data_6NJ1
#
_entry.id   6NJ1
#
_cell.length_a   66.878
_cell.length_b   66.878
_cell.length_c   119.795
_cell.angle_alpha   90.00
_cell.angle_beta   90.00
_cell.angle_gamma   120.00
#
_symmetry.space_group_name_H-M   'P 32 2 1'
#
loop_
_entity.id
_entity.type
_entity.pdbx_description
1 polymer Beta-lactamase
2 non-polymer 'CHLORIDE ION'
3 water water
#
_entity_poly.entity_id   1
_entity_poly.type   'polypeptide(L)'
_entity_poly.pdbx_seq_one_letter_code
;SNAKTESQSHLNTKSDIQYNSAFSQLESDYGAKLGVYAFDTETNKEVAYRADDRFAYCSTFKALAAGAVLKQDSLEQLKQ
LVKYKKEDVLSYAPIAKDNVDKG(MSE)TIEEICSAAIRFSDNTAANLLLNHIGGPKGFKSALNQLGDSVTQPVHIEPEL
NEGIPGDIGDTSTPRQLATDLQAYTTGNILTEDKKKILIDW(MSE)AGNTTGNTLIRAGAPKSWIVADKSGTGPYGRRND
IAIV(MSE)PPNKKPIIIAILSTHDTKEAKYDDKLIAKASKIIFDSFTTTENKE
;
_entity_poly.pdbx_strand_id   A
#
loop_
_chem_comp.id
_chem_comp.type
_chem_comp.name
_chem_comp.formula
CL non-polymer 'CHLORIDE ION' 'Cl -1'
#
# COMPACT_ATOMS: atom_id res chain seq x y z
N ASP A 16 24.51 0.22 -3.09
CA ASP A 16 25.40 1.16 -2.41
C ASP A 16 25.54 0.85 -0.92
N ILE A 17 26.79 0.86 -0.44
CA ILE A 17 27.12 0.39 0.90
C ILE A 17 26.79 1.41 1.98
N GLN A 18 26.63 2.70 1.65
CA GLN A 18 26.27 3.68 2.66
C GLN A 18 24.85 3.44 3.19
N TYR A 19 23.86 3.28 2.30
CA TYR A 19 22.52 3.08 2.81
C TYR A 19 22.33 1.69 3.41
N ASN A 20 23.06 0.68 2.92
CA ASN A 20 22.94 -0.65 3.53
C ASN A 20 23.28 -0.60 5.02
N SER A 21 24.37 0.10 5.36
CA SER A 21 24.76 0.24 6.74
C SER A 21 23.68 0.95 7.55
N ALA A 22 23.11 2.02 6.99
CA ALA A 22 22.09 2.78 7.70
C ALA A 22 20.82 1.94 7.91
N PHE A 23 20.39 1.16 6.91
CA PHE A 23 19.21 0.31 7.09
C PHE A 23 19.49 -0.80 8.09
N SER A 24 20.67 -1.41 8.03
CA SER A 24 21.00 -2.45 8.99
C SER A 24 21.04 -1.89 10.41
N GLN A 25 21.50 -0.64 10.57
CA GLN A 25 21.49 -0.02 11.88
C GLN A 25 20.07 0.17 12.39
N LEU A 26 19.14 0.55 11.49
CA LEU A 26 17.74 0.62 11.89
C LEU A 26 17.21 -0.72 12.34
N GLU A 27 17.56 -1.79 11.63
CA GLU A 27 17.10 -3.11 12.03
C GLU A 27 17.58 -3.44 13.44
N SER A 28 18.86 -3.16 13.70
CA SER A 28 19.41 -3.41 15.03
C SER A 28 18.72 -2.54 16.08
N ASP A 29 18.58 -1.25 15.78
CA ASP A 29 18.02 -0.31 16.72
C ASP A 29 16.59 -0.66 17.10
N TYR A 30 15.80 -1.13 16.11
CA TYR A 30 14.39 -1.41 16.35
C TYR A 30 14.07 -2.89 16.54
N GLY A 31 15.06 -3.76 16.37
CA GLY A 31 14.84 -5.18 16.52
C GLY A 31 13.88 -5.73 15.48
N ALA A 32 13.97 -5.22 14.27
CA ALA A 32 12.99 -5.53 13.23
C ALA A 32 13.68 -5.95 11.94
N LYS A 33 12.91 -6.62 11.09
CA LYS A 33 13.33 -6.89 9.72
C LYS A 33 12.69 -5.85 8.84
N LEU A 34 13.51 -5.18 8.03
CA LEU A 34 13.12 -4.10 7.16
C LEU A 34 13.38 -4.47 5.72
N GLY A 35 12.39 -4.20 4.88
CA GLY A 35 12.50 -4.39 3.45
C GLY A 35 12.13 -3.11 2.73
N VAL A 36 13.01 -2.68 1.82
CA VAL A 36 12.89 -1.37 1.19
C VAL A 36 13.12 -1.56 -0.30
N TYR A 37 12.24 -0.97 -1.12
CA TYR A 37 12.56 -0.74 -2.52
C TYR A 37 12.03 0.62 -2.92
N ALA A 38 12.88 1.44 -3.49
CA ALA A 38 12.46 2.73 -4.00
C ALA A 38 13.05 2.96 -5.38
N PHE A 39 12.27 3.58 -6.25
CA PHE A 39 12.73 3.87 -7.61
C PHE A 39 12.45 5.32 -7.93
N ASP A 40 13.48 6.05 -8.31
CA ASP A 40 13.36 7.45 -8.67
C ASP A 40 13.20 7.53 -10.19
N THR A 41 12.00 7.84 -10.66
CA THR A 41 11.77 7.83 -12.10
C THR A 41 12.35 9.04 -12.82
N GLU A 42 12.77 10.10 -12.09
CA GLU A 42 13.47 11.20 -12.74
C GLU A 42 14.86 10.77 -13.20
N THR A 43 15.56 9.97 -12.39
CA THR A 43 16.97 9.66 -12.60
C THR A 43 17.23 8.19 -12.90
N ASN A 44 16.24 7.33 -12.73
CA ASN A 44 16.37 5.89 -12.93
C ASN A 44 17.31 5.24 -11.94
N LYS A 45 17.39 5.78 -10.73
CA LYS A 45 18.15 5.15 -9.67
C LYS A 45 17.20 4.43 -8.72
N GLU A 46 17.74 3.43 -8.01
CA GLU A 46 17.00 2.67 -7.03
C GLU A 46 17.75 2.67 -5.71
N VAL A 47 16.99 2.37 -4.66
CA VAL A 47 17.45 2.01 -3.33
C VAL A 47 16.80 0.66 -3.02
N ALA A 48 17.60 -0.35 -2.71
CA ALA A 48 17.09 -1.71 -2.50
C ALA A 48 17.74 -2.35 -1.27
N TYR A 49 16.91 -2.79 -0.33
CA TYR A 49 17.38 -3.44 0.89
C TYR A 49 16.40 -4.57 1.19
N ARG A 50 16.87 -5.83 1.09
CA ARG A 50 16.00 -6.99 1.16
C ARG A 50 14.79 -6.83 0.24
N ALA A 51 15.03 -6.26 -0.94
CA ALA A 51 13.93 -5.88 -1.83
C ALA A 51 13.17 -7.06 -2.39
N ASP A 52 13.78 -8.26 -2.41
CA ASP A 52 13.15 -9.44 -2.97
C ASP A 52 12.77 -10.45 -1.89
N ASP A 53 12.77 -10.03 -0.62
CA ASP A 53 12.28 -10.84 0.48
C ASP A 53 10.76 -10.64 0.62
N ARG A 54 10.07 -11.70 1.00
CA ARG A 54 8.64 -11.63 1.18
C ARG A 54 8.27 -11.10 2.54
N PHE A 55 7.24 -10.25 2.55
CA PHE A 55 6.62 -9.74 3.75
C PHE A 55 5.10 -9.78 3.55
N ALA A 56 4.37 -9.96 4.65
CA ALA A 56 2.92 -9.78 4.63
C ALA A 56 2.60 -8.32 4.28
N TYR A 57 1.83 -8.11 3.22
CA TYR A 57 1.60 -6.75 2.78
C TYR A 57 0.54 -5.98 3.57
N CYS A 58 -0.31 -6.66 4.33
CA CYS A 58 -1.31 -6.02 5.15
C CYS A 58 -2.10 -5.06 4.29
N SER A 59 -2.50 -3.90 4.80
CA SER A 59 -3.46 -3.08 4.08
C SER A 59 -2.90 -2.34 2.88
N THR A 60 -1.59 -2.43 2.63
CA THR A 60 -1.05 -1.77 1.44
C THR A 60 -1.74 -2.26 0.17
N PHE A 61 -2.24 -3.50 0.16
CA PHE A 61 -2.84 -4.00 -1.05
C PHE A 61 -4.02 -3.15 -1.49
N LYS A 62 -4.67 -2.42 -0.57
CA LYS A 62 -5.90 -1.74 -0.91
C LYS A 62 -5.69 -0.74 -2.04
N ALA A 63 -4.51 -0.13 -2.11
CA ALA A 63 -4.22 0.81 -3.20
C ALA A 63 -4.12 0.07 -4.53
N LEU A 64 -3.49 -1.09 -4.55
CA LEU A 64 -3.35 -1.88 -5.77
C LEU A 64 -4.69 -2.45 -6.20
N ALA A 65 -5.51 -2.93 -5.25
CA ALA A 65 -6.83 -3.43 -5.62
C ALA A 65 -7.71 -2.34 -6.19
N ALA A 66 -7.59 -1.09 -5.69
CA ALA A 66 -8.30 0.04 -6.30
C ALA A 66 -7.81 0.34 -7.71
N GLY A 67 -6.49 0.23 -7.95
CA GLY A 67 -5.95 0.25 -9.30
C GLY A 67 -6.66 -0.75 -10.20
N ALA A 68 -6.80 -2.00 -9.71
CA ALA A 68 -7.48 -3.05 -10.46
C ALA A 68 -8.95 -2.69 -10.74
N VAL A 69 -9.66 -2.07 -9.77
CA VAL A 69 -11.01 -1.59 -10.01
C VAL A 69 -11.01 -0.60 -11.18
N LEU A 70 -10.12 0.36 -11.14
CA LEU A 70 -10.05 1.37 -12.20
C LEU A 70 -9.75 0.76 -13.56
N LYS A 71 -8.91 -0.27 -13.60
CA LYS A 71 -8.60 -0.86 -14.89
C LYS A 71 -9.79 -1.65 -15.44
N GLN A 72 -10.52 -2.32 -14.55
N GLN A 72 -10.55 -2.34 -14.58
CA GLN A 72 -11.65 -3.16 -14.92
CA GLN A 72 -11.66 -3.18 -15.05
C GLN A 72 -12.83 -2.33 -15.40
C GLN A 72 -12.97 -2.43 -15.26
N ASP A 73 -13.10 -1.21 -14.73
CA ASP A 73 -14.36 -0.49 -14.80
C ASP A 73 -14.26 0.80 -15.62
N SER A 74 -15.36 1.16 -16.28
CA SER A 74 -15.46 2.49 -16.85
C SER A 74 -15.65 3.51 -15.73
N LEU A 75 -15.46 4.78 -16.08
CA LEU A 75 -15.71 5.84 -15.11
C LEU A 75 -17.13 5.81 -14.63
N GLU A 76 -18.09 5.52 -15.52
CA GLU A 76 -19.47 5.50 -15.05
C GLU A 76 -19.75 4.34 -14.13
N GLN A 77 -19.04 3.23 -14.31
CA GLN A 77 -19.22 2.09 -13.41
C GLN A 77 -18.76 2.40 -12.00
N LEU A 78 -17.95 3.41 -11.81
CA LEU A 78 -17.56 3.76 -10.44
C LEU A 78 -18.73 4.31 -9.63
N LYS A 79 -19.80 4.72 -10.29
CA LYS A 79 -20.97 5.25 -9.60
C LYS A 79 -21.97 4.19 -9.21
N GLN A 80 -21.71 2.93 -9.55
CA GLN A 80 -22.67 1.88 -9.23
C GLN A 80 -22.82 1.75 -7.72
N LEU A 81 -24.07 1.68 -7.26
CA LEU A 81 -24.37 1.53 -5.83
C LEU A 81 -24.34 0.06 -5.42
N VAL A 82 -23.68 -0.21 -4.28
CA VAL A 82 -23.55 -1.56 -3.74
C VAL A 82 -24.27 -1.58 -2.39
N LYS A 83 -25.13 -2.58 -2.19
CA LYS A 83 -25.79 -2.80 -0.91
C LYS A 83 -25.14 -3.98 -0.20
N TYR A 84 -25.06 -3.88 1.11
CA TYR A 84 -24.46 -4.93 1.93
C TYR A 84 -25.24 -5.00 3.24
N LYS A 85 -24.93 -6.00 4.05
CA LYS A 85 -25.69 -6.27 5.25
C LYS A 85 -24.86 -6.00 6.49
N LYS A 86 -25.54 -5.94 7.65
CA LYS A 86 -24.85 -5.75 8.92
C LYS A 86 -23.79 -6.82 9.15
N GLU A 87 -24.05 -8.05 8.71
CA GLU A 87 -23.07 -9.12 8.92
C GLU A 87 -21.75 -8.86 8.21
N ASP A 88 -21.75 -8.02 7.18
CA ASP A 88 -20.52 -7.70 6.47
C ASP A 88 -19.71 -6.66 7.20
N VAL A 89 -20.30 -5.99 8.20
CA VAL A 89 -19.61 -4.92 8.91
C VAL A 89 -18.64 -5.54 9.91
N LEU A 90 -17.36 -5.26 9.73
CA LEU A 90 -16.29 -5.83 10.54
C LEU A 90 -15.95 -4.90 11.70
N SER A 91 -15.02 -5.34 12.56
N SER A 91 -15.05 -5.37 12.57
CA SER A 91 -14.78 -4.55 13.75
CA SER A 91 -14.70 -4.59 13.74
C SER A 91 -14.05 -3.24 13.47
C SER A 91 -14.23 -3.21 13.35
N TYR A 92 -13.36 -3.12 12.34
CA TYR A 92 -12.84 -1.83 11.87
C TYR A 92 -13.48 -1.52 10.50
N ALA A 93 -14.51 -0.67 10.53
CA ALA A 93 -15.25 -0.31 9.34
C ALA A 93 -15.79 1.11 9.56
N PRO A 94 -14.93 2.10 9.70
CA PRO A 94 -15.38 3.44 10.15
C PRO A 94 -16.35 4.12 9.18
N ILE A 95 -16.30 3.82 7.90
CA ILE A 95 -17.24 4.37 6.94
C ILE A 95 -18.40 3.40 6.67
N ALA A 96 -18.09 2.15 6.41
CA ALA A 96 -19.11 1.21 6.00
C ALA A 96 -20.12 0.94 7.10
N LYS A 97 -19.72 1.02 8.37
CA LYS A 97 -20.70 0.75 9.44
C LYS A 97 -21.87 1.73 9.41
N ASP A 98 -21.71 2.89 8.76
CA ASP A 98 -22.74 3.94 8.75
C ASP A 98 -23.56 3.97 7.46
N ASN A 99 -23.35 3.01 6.56
CA ASN A 99 -23.95 3.07 5.23
C ASN A 99 -24.64 1.75 4.86
N VAL A 100 -25.01 0.95 5.84
CA VAL A 100 -25.73 -0.29 5.57
C VAL A 100 -27.06 -0.02 4.87
N ASP A 101 -27.80 0.99 5.35
CA ASP A 101 -29.14 1.21 4.82
C ASP A 101 -29.09 1.78 3.41
N LYS A 102 -28.20 2.74 3.16
CA LYS A 102 -28.25 3.43 1.88
C LYS A 102 -27.34 2.85 0.82
N GLY A 103 -26.36 2.05 1.22
CA GLY A 103 -25.37 1.51 0.32
C GLY A 103 -24.20 2.45 0.11
N MSE A 104 -23.21 1.96 -0.61
CA MSE A 104 -22.04 2.76 -0.99
C MSE A 104 -21.73 2.56 -2.46
O MSE A 104 -21.90 1.44 -2.97
CB MSE A 104 -20.79 2.34 -0.18
CG MSE A 104 -20.91 2.66 1.27
SE MSE A 104 -19.37 2.10 2.32
CE MSE A 104 -18.08 3.31 1.53
H MSE A 104 -23.19 1.15 -0.92
HA MSE A 104 -22.22 3.69 -0.78
HB2 MSE A 104 -20.66 1.38 -0.26
HB3 MSE A 104 -20.02 2.81 -0.53
HG2 MSE A 104 -21.00 3.63 1.37
HG3 MSE A 104 -21.69 2.23 1.64
HE1 MSE A 104 -17.24 3.23 2.01
HE2 MSE A 104 -17.95 3.06 0.60
HE3 MSE A 104 -18.40 4.22 1.59
N THR A 105 -21.27 3.60 -3.15
CA THR A 105 -20.89 3.40 -4.54
C THR A 105 -19.47 2.81 -4.61
N ILE A 106 -19.11 2.31 -5.77
CA ILE A 106 -17.78 1.74 -5.97
C ILE A 106 -16.70 2.76 -5.63
N GLU A 107 -16.86 4.01 -6.07
CA GLU A 107 -15.82 4.98 -5.77
C GLU A 107 -15.77 5.28 -4.28
N GLU A 108 -16.94 5.32 -3.61
CA GLU A 108 -16.94 5.51 -2.15
C GLU A 108 -16.25 4.37 -1.43
N ILE A 109 -16.45 3.15 -1.92
CA ILE A 109 -15.78 1.97 -1.37
C ILE A 109 -14.27 2.09 -1.52
N CYS A 110 -13.79 2.43 -2.71
CA CYS A 110 -12.37 2.57 -2.93
C CYS A 110 -11.79 3.68 -2.05
N SER A 111 -12.49 4.81 -1.94
CA SER A 111 -12.03 5.88 -1.06
C SER A 111 -11.94 5.40 0.39
N ALA A 112 -12.99 4.76 0.90
CA ALA A 112 -12.95 4.34 2.30
C ALA A 112 -11.81 3.33 2.55
N ALA A 113 -11.59 2.40 1.61
CA ALA A 113 -10.53 1.40 1.76
C ALA A 113 -9.16 2.06 1.78
N ILE A 114 -8.94 3.05 0.91
CA ILE A 114 -7.62 3.66 0.82
C ILE A 114 -7.39 4.72 1.90
N ARG A 115 -8.37 5.61 2.09
CA ARG A 115 -8.19 6.75 2.99
C ARG A 115 -8.18 6.34 4.44
N PHE A 116 -9.04 5.38 4.81
CA PHE A 116 -9.22 5.01 6.20
C PHE A 116 -8.87 3.55 6.48
N SER A 117 -8.55 2.76 5.47
CA SER A 117 -8.23 1.35 5.64
C SER A 117 -9.45 0.59 6.16
N ASP A 118 -10.65 1.05 5.83
CA ASP A 118 -11.87 0.37 6.25
C ASP A 118 -11.87 -1.06 5.72
N ASN A 119 -12.07 -2.01 6.61
CA ASN A 119 -11.93 -3.42 6.22
C ASN A 119 -13.17 -3.95 5.53
N THR A 120 -14.36 -3.45 5.89
CA THR A 120 -15.54 -3.83 5.13
C THR A 120 -15.47 -3.26 3.74
N ALA A 121 -15.11 -1.99 3.61
CA ALA A 121 -14.93 -1.42 2.27
C ALA A 121 -13.92 -2.24 1.47
N ALA A 122 -12.82 -2.64 2.11
CA ALA A 122 -11.82 -3.45 1.41
C ALA A 122 -12.39 -4.78 0.93
N ASN A 123 -13.25 -5.41 1.75
CA ASN A 123 -13.91 -6.66 1.32
C ASN A 123 -14.89 -6.42 0.17
N LEU A 124 -15.63 -5.32 0.20
CA LEU A 124 -16.52 -5.00 -0.92
C LEU A 124 -15.70 -4.76 -2.17
N LEU A 125 -14.57 -4.07 -2.02
CA LEU A 125 -13.66 -3.83 -3.14
C LEU A 125 -13.18 -5.17 -3.70
N LEU A 126 -12.68 -6.05 -2.84
CA LEU A 126 -12.26 -7.37 -3.31
C LEU A 126 -13.39 -8.10 -4.03
N ASN A 127 -14.62 -8.07 -3.47
CA ASN A 127 -15.75 -8.73 -4.13
C ASN A 127 -15.93 -8.21 -5.54
N HIS A 128 -15.77 -6.88 -5.73
CA HIS A 128 -16.02 -6.25 -7.00
C HIS A 128 -15.04 -6.70 -8.08
N ILE A 129 -13.83 -7.11 -7.69
CA ILE A 129 -12.85 -7.57 -8.65
C ILE A 129 -12.69 -9.09 -8.62
N GLY A 130 -13.63 -9.82 -8.02
CA GLY A 130 -13.63 -11.27 -8.09
C GLY A 130 -13.02 -11.99 -6.93
N GLY A 131 -12.90 -11.38 -5.80
CA GLY A 131 -12.31 -11.98 -4.62
C GLY A 131 -10.82 -11.94 -4.69
N PRO A 132 -10.17 -12.49 -3.67
CA PRO A 132 -8.71 -12.64 -3.74
C PRO A 132 -8.26 -13.29 -5.03
N LYS A 133 -8.95 -14.32 -5.52
CA LYS A 133 -8.51 -14.96 -6.76
C LYS A 133 -8.60 -14.02 -7.96
N GLY A 134 -9.63 -13.18 -7.99
CA GLY A 134 -9.76 -12.17 -9.06
C GLY A 134 -8.70 -11.09 -8.98
N PHE A 135 -8.37 -10.66 -7.77
CA PHE A 135 -7.29 -9.70 -7.59
C PHE A 135 -5.96 -10.29 -8.03
N LYS A 136 -5.70 -11.53 -7.66
CA LYS A 136 -4.49 -12.22 -8.12
C LYS A 136 -4.44 -12.29 -9.64
N SER A 137 -5.57 -12.60 -10.28
CA SER A 137 -5.60 -12.69 -11.72
C SER A 137 -5.29 -11.35 -12.34
N ALA A 138 -5.80 -10.26 -11.76
CA ALA A 138 -5.52 -8.94 -12.29
C ALA A 138 -4.04 -8.62 -12.16
N LEU A 139 -3.45 -8.92 -11.02
CA LEU A 139 -2.02 -8.69 -10.88
C LEU A 139 -1.21 -9.55 -11.86
N ASN A 140 -1.62 -10.80 -12.06
CA ASN A 140 -0.90 -11.64 -13.02
C ASN A 140 -0.96 -11.02 -14.40
N GLN A 141 -2.12 -10.49 -14.80
CA GLN A 141 -2.25 -9.84 -16.11
C GLN A 141 -1.31 -8.64 -16.24
N LEU A 142 -1.01 -7.97 -15.13
CA LEU A 142 -0.06 -6.87 -15.17
C LEU A 142 1.39 -7.32 -15.22
N GLY A 143 1.66 -8.61 -15.07
CA GLY A 143 3.02 -9.13 -15.05
C GLY A 143 3.56 -9.44 -13.67
N ASP A 144 2.74 -9.40 -12.64
CA ASP A 144 3.15 -9.69 -11.27
C ASP A 144 2.82 -11.16 -10.97
N SER A 145 3.86 -11.99 -10.92
CA SER A 145 3.73 -13.39 -10.57
C SER A 145 4.28 -13.68 -9.18
N VAL A 146 4.55 -12.65 -8.40
CA VAL A 146 5.11 -12.77 -7.05
C VAL A 146 4.06 -12.57 -5.99
N THR A 147 3.29 -11.50 -6.10
CA THR A 147 2.27 -11.24 -5.07
C THR A 147 1.25 -12.37 -5.04
N GLN A 148 0.90 -12.81 -3.84
CA GLN A 148 0.08 -14.00 -3.69
C GLN A 148 -1.14 -13.76 -2.79
N PRO A 149 -2.14 -13.03 -3.30
CA PRO A 149 -3.37 -12.85 -2.51
C PRO A 149 -4.08 -14.16 -2.26
N VAL A 150 -4.53 -14.36 -1.01
CA VAL A 150 -5.24 -15.58 -0.59
C VAL A 150 -6.51 -15.24 0.18
N HIS A 151 -6.41 -14.39 1.19
CA HIS A 151 -7.52 -14.13 2.10
C HIS A 151 -8.19 -12.77 1.87
N ILE A 152 -9.38 -12.65 2.48
CA ILE A 152 -10.05 -11.37 2.63
C ILE A 152 -9.76 -10.84 4.02
N GLU A 153 -10.34 -9.68 4.37
CA GLU A 153 -10.19 -9.15 5.72
C GLU A 153 -11.14 -9.88 6.67
N PRO A 154 -10.74 -10.15 7.92
CA PRO A 154 -9.49 -9.69 8.55
C PRO A 154 -8.32 -10.68 8.50
N GLU A 155 -8.51 -11.84 7.91
CA GLU A 155 -7.45 -12.84 7.97
C GLU A 155 -6.20 -12.46 7.20
N LEU A 156 -6.30 -11.59 6.22
CA LEU A 156 -5.16 -11.40 5.32
C LEU A 156 -3.93 -10.82 5.99
N ASN A 157 -4.02 -10.16 7.16
CA ASN A 157 -2.77 -9.70 7.80
C ASN A 157 -2.31 -10.59 8.93
N GLU A 158 -2.92 -11.76 9.10
CA GLU A 158 -2.71 -12.59 10.28
C GLU A 158 -1.90 -13.84 10.02
N GLY A 159 -1.33 -13.96 8.84
CA GLY A 159 -0.57 -15.15 8.51
C GLY A 159 0.68 -15.28 9.37
N ILE A 160 1.09 -16.52 9.59
CA ILE A 160 2.34 -16.75 10.33
C ILE A 160 3.54 -16.40 9.46
N PRO A 161 4.66 -16.05 10.06
CA PRO A 161 5.89 -15.81 9.27
C PRO A 161 6.20 -17.07 8.49
N GLY A 162 6.63 -16.90 7.28
CA GLY A 162 6.87 -18.07 6.44
C GLY A 162 5.75 -18.41 5.48
N ASP A 163 4.52 -17.98 5.75
CA ASP A 163 3.46 -18.14 4.77
C ASP A 163 3.87 -17.39 3.51
N ILE A 164 3.42 -17.89 2.36
CA ILE A 164 3.47 -17.13 1.11
C ILE A 164 2.15 -16.39 0.88
N GLY A 165 1.04 -16.92 1.38
CA GLY A 165 -0.22 -16.24 1.16
C GLY A 165 -0.21 -14.85 1.76
N ASP A 166 -0.78 -13.92 1.02
CA ASP A 166 -0.94 -12.54 1.43
C ASP A 166 0.41 -11.85 1.58
N THR A 167 1.42 -12.30 0.85
CA THR A 167 2.72 -11.65 0.84
C THR A 167 3.09 -11.14 -0.55
N SER A 168 4.05 -10.25 -0.54
CA SER A 168 4.76 -9.82 -1.74
C SER A 168 6.14 -9.37 -1.31
N THR A 169 6.86 -8.74 -2.23
CA THR A 169 8.17 -8.21 -1.89
C THR A 169 8.14 -6.69 -2.04
N PRO A 170 9.06 -5.98 -1.38
CA PRO A 170 9.12 -4.51 -1.61
C PRO A 170 9.22 -4.15 -3.08
N ARG A 171 10.11 -4.83 -3.82
CA ARG A 171 10.25 -4.53 -5.23
C ARG A 171 8.94 -4.71 -5.96
N GLN A 172 8.25 -5.83 -5.72
CA GLN A 172 7.04 -6.12 -6.48
C GLN A 172 5.94 -5.11 -6.20
N LEU A 173 5.75 -4.78 -4.92
CA LEU A 173 4.71 -3.80 -4.58
C LEU A 173 4.99 -2.46 -5.20
N ALA A 174 6.27 -2.03 -5.17
CA ALA A 174 6.63 -0.76 -5.78
C ALA A 174 6.42 -0.83 -7.28
N THR A 175 6.77 -1.95 -7.92
CA THR A 175 6.61 -2.08 -9.35
C THR A 175 5.15 -2.00 -9.75
N ASP A 176 4.28 -2.64 -8.96
CA ASP A 176 2.86 -2.61 -9.27
C ASP A 176 2.29 -1.21 -9.07
N LEU A 177 2.67 -0.54 -7.98
CA LEU A 177 2.17 0.81 -7.74
C LEU A 177 2.62 1.76 -8.84
N GLN A 178 3.87 1.61 -9.29
CA GLN A 178 4.37 2.38 -10.41
C GLN A 178 3.55 2.13 -11.67
N ALA A 179 3.21 0.87 -11.93
CA ALA A 179 2.43 0.57 -13.14
C ALA A 179 1.07 1.27 -13.13
N TYR A 180 0.36 1.25 -11.98
CA TYR A 180 -0.94 1.88 -11.92
C TYR A 180 -0.86 3.40 -11.91
N THR A 181 0.14 4.01 -11.20
CA THR A 181 0.12 5.44 -10.99
C THR A 181 0.85 6.22 -12.08
N THR A 182 1.77 5.58 -12.80
CA THR A 182 2.59 6.28 -13.78
C THR A 182 2.69 5.56 -15.10
N GLY A 183 2.36 4.27 -15.16
CA GLY A 183 2.58 3.50 -16.37
C GLY A 183 1.48 3.75 -17.38
N ASN A 184 1.23 2.76 -18.23
CA ASN A 184 0.21 2.87 -19.26
C ASN A 184 -1.01 2.01 -18.95
N ILE A 185 -1.09 1.42 -17.75
CA ILE A 185 -2.22 0.56 -17.39
C ILE A 185 -3.50 1.37 -17.38
N LEU A 186 -3.46 2.55 -16.77
CA LEU A 186 -4.64 3.38 -16.58
C LEU A 186 -4.57 4.63 -17.44
N THR A 187 -5.76 5.14 -17.82
CA THR A 187 -5.81 6.45 -18.48
C THR A 187 -5.34 7.56 -17.53
N GLU A 188 -5.04 8.73 -18.12
CA GLU A 188 -4.63 9.89 -17.33
C GLU A 188 -5.64 10.18 -16.22
N ASP A 189 -6.92 10.18 -16.55
CA ASP A 189 -7.94 10.55 -15.57
C ASP A 189 -7.99 9.52 -14.43
N LYS A 190 -7.89 8.23 -14.77
CA LYS A 190 -7.91 7.19 -13.74
C LYS A 190 -6.66 7.25 -12.86
N LYS A 191 -5.50 7.57 -13.42
CA LYS A 191 -4.32 7.76 -12.59
C LYS A 191 -4.57 8.85 -11.55
N LYS A 192 -5.17 9.95 -11.99
CA LYS A 192 -5.43 11.07 -11.10
C LYS A 192 -6.40 10.68 -9.99
N ILE A 193 -7.41 9.87 -10.31
CA ILE A 193 -8.36 9.41 -9.31
C ILE A 193 -7.62 8.60 -8.25
N LEU A 194 -6.78 7.65 -8.69
CA LEU A 194 -6.06 6.79 -7.76
C LEU A 194 -5.13 7.60 -6.88
N ILE A 195 -4.35 8.50 -7.47
CA ILE A 195 -3.39 9.25 -6.68
C ILE A 195 -4.12 10.14 -5.69
N ASP A 196 -5.25 10.74 -6.10
CA ASP A 196 -6.00 11.54 -5.15
C ASP A 196 -6.60 10.72 -4.03
N TRP A 197 -7.07 9.49 -4.30
CA TRP A 197 -7.52 8.62 -3.22
C TRP A 197 -6.41 8.40 -2.19
N MSE A 198 -5.18 8.28 -2.67
CA MSE A 198 -4.03 8.02 -1.80
C MSE A 198 -3.43 9.28 -1.14
O MSE A 198 -2.60 9.14 -0.21
CB MSE A 198 -2.94 7.37 -2.60
CG MSE A 198 -3.33 5.96 -3.12
SE MSE A 198 -1.94 5.16 -4.28
CE MSE A 198 -0.63 4.77 -2.85
H MSE A 198 -4.98 8.34 -3.51
HA MSE A 198 -4.34 7.44 -1.09
HB2 MSE A 198 -2.73 7.91 -3.37
HB3 MSE A 198 -2.15 7.27 -2.05
HG2 MSE A 198 -3.47 5.38 -2.35
HG3 MSE A 198 -4.15 6.04 -3.63
HE1 MSE A 198 0.13 4.32 -3.24
HE2 MSE A 198 -0.35 5.60 -2.44
HE3 MSE A 198 -1.06 4.21 -2.19
N ALA A 199 -3.85 10.47 -1.58
CA ALA A 199 -3.26 11.69 -1.09
C ALA A 199 -4.02 12.24 0.12
N GLY A 200 -3.26 12.84 1.04
CA GLY A 200 -3.82 13.62 2.12
C GLY A 200 -4.56 12.88 3.20
N ASN A 201 -4.20 11.65 3.46
CA ASN A 201 -4.87 10.85 4.47
C ASN A 201 -4.04 10.73 5.73
N THR A 202 -4.71 10.90 6.86
N THR A 202 -4.69 10.91 6.89
CA THR A 202 -4.04 10.92 8.16
CA THR A 202 -3.95 10.94 8.14
C THR A 202 -3.30 9.63 8.46
C THR A 202 -3.32 9.61 8.55
N THR A 203 -3.82 8.47 8.01
CA THR A 203 -3.15 7.20 8.26
C THR A 203 -1.72 7.24 7.76
N GLY A 204 -1.38 8.12 6.82
CA GLY A 204 -0.02 8.20 6.33
C GLY A 204 0.91 9.11 7.10
N ASN A 205 0.41 9.87 8.07
CA ASN A 205 1.15 11.01 8.61
C ASN A 205 2.46 10.64 9.29
N THR A 206 2.52 9.47 9.93
CA THR A 206 3.69 9.13 10.74
C THR A 206 4.69 8.24 9.97
N LEU A 207 4.45 7.99 8.67
CA LEU A 207 5.17 6.93 7.97
C LEU A 207 6.08 7.57 6.90
N ILE A 208 5.93 7.22 5.62
CA ILE A 208 6.80 7.81 4.61
C ILE A 208 6.71 9.34 4.63
N ARG A 209 5.49 9.88 4.75
CA ARG A 209 5.31 11.34 4.76
C ARG A 209 6.13 12.00 5.88
N ALA A 210 6.28 11.34 7.02
CA ALA A 210 7.03 11.93 8.11
C ALA A 210 8.50 12.08 7.78
N GLY A 211 9.02 11.28 6.86
CA GLY A 211 10.40 11.38 6.45
C GLY A 211 10.66 12.15 5.20
N ALA A 212 9.60 12.73 4.57
CA ALA A 212 9.71 13.37 3.29
C ALA A 212 9.91 14.88 3.44
N PRO A 213 10.60 15.49 2.51
CA PRO A 213 10.63 16.96 2.46
C PRO A 213 9.23 17.54 2.33
N LYS A 214 9.03 18.72 2.94
CA LYS A 214 7.67 19.25 3.10
C LYS A 214 6.98 19.59 1.78
N SER A 215 7.73 19.88 0.70
N SER A 215 7.73 19.90 0.71
CA SER A 215 7.16 20.19 -0.60
CA SER A 215 7.18 20.21 -0.60
C SER A 215 7.09 18.98 -1.54
C SER A 215 7.12 18.99 -1.55
N TRP A 216 7.56 17.83 -1.09
CA TRP A 216 7.50 16.61 -1.87
C TRP A 216 6.24 15.88 -1.46
N ILE A 217 5.24 15.85 -2.36
CA ILE A 217 3.89 15.44 -1.97
C ILE A 217 3.84 13.92 -1.92
N VAL A 218 3.35 13.36 -0.82
CA VAL A 218 3.33 11.92 -0.58
C VAL A 218 1.90 11.44 -0.67
N ALA A 219 1.65 10.48 -1.55
CA ALA A 219 0.36 9.79 -1.62
C ALA A 219 0.63 8.31 -1.34
N ASP A 220 0.09 7.79 -0.23
CA ASP A 220 0.57 6.51 0.32
C ASP A 220 -0.59 5.61 0.67
N LYS A 221 -0.25 4.36 1.00
CA LYS A 221 -1.16 3.47 1.69
C LYS A 221 -0.38 2.71 2.75
N SER A 222 -0.81 2.84 3.99
CA SER A 222 -0.22 2.21 5.17
C SER A 222 -0.72 0.80 5.37
N GLY A 223 0.04 0.04 6.14
CA GLY A 223 -0.42 -1.24 6.61
C GLY A 223 0.11 -1.57 7.99
N THR A 224 -0.64 -2.42 8.67
CA THR A 224 -0.35 -2.83 10.05
C THR A 224 -0.82 -4.27 10.25
N GLY A 225 -0.15 -4.99 11.16
CA GLY A 225 -0.54 -6.33 11.48
C GLY A 225 0.08 -6.85 12.74
N PRO A 226 -0.29 -8.04 13.16
CA PRO A 226 0.45 -8.73 14.24
C PRO A 226 1.90 -9.00 13.83
N TYR A 227 2.70 -9.56 14.73
CA TYR A 227 4.16 -9.62 14.53
C TYR A 227 4.75 -8.24 14.35
N GLY A 228 4.08 -7.24 14.91
CA GLY A 228 4.54 -5.85 14.78
C GLY A 228 4.77 -5.43 13.36
N ARG A 229 3.92 -5.89 12.46
CA ARG A 229 4.05 -5.52 11.06
C ARG A 229 3.63 -4.08 10.83
N ARG A 230 4.43 -3.35 10.09
CA ARG A 230 4.14 -1.93 9.81
C ARG A 230 4.74 -1.61 8.45
N ASN A 231 3.89 -1.24 7.50
CA ASN A 231 4.30 -1.08 6.12
C ASN A 231 3.78 0.26 5.58
N ASP A 232 4.39 0.73 4.49
CA ASP A 232 3.84 1.88 3.78
C ASP A 232 4.34 1.84 2.33
N ILE A 233 3.45 2.08 1.38
CA ILE A 233 3.82 2.24 -0.03
C ILE A 233 3.37 3.61 -0.49
N ALA A 234 4.11 4.21 -1.43
CA ALA A 234 3.76 5.58 -1.81
C ALA A 234 4.32 5.95 -3.18
N ILE A 235 3.64 6.93 -3.79
CA ILE A 235 4.18 7.73 -4.86
C ILE A 235 4.50 9.11 -4.26
N VAL A 236 5.69 9.58 -4.51
CA VAL A 236 6.17 10.83 -3.92
C VAL A 236 6.55 11.76 -5.06
N MSE A 237 6.03 12.98 -5.02
CA MSE A 237 6.13 13.90 -6.14
C MSE A 237 6.86 15.19 -5.77
O MSE A 237 6.26 16.11 -5.21
CB MSE A 237 4.71 14.23 -6.56
CG MSE A 237 4.01 12.98 -7.17
SE MSE A 237 2.05 13.04 -7.22
CE MSE A 237 1.68 12.65 -5.31
H MSE A 237 5.61 13.30 -4.34
HA MSE A 237 6.62 13.49 -6.86
HB2 MSE A 237 4.20 14.53 -5.79
HB3 MSE A 237 4.74 14.93 -7.24
HG2 MSE A 237 4.32 12.87 -8.08
HG3 MSE A 237 4.26 12.20 -6.64
HE1 MSE A 237 0.73 12.68 -5.16
HE2 MSE A 237 2.02 11.76 -5.10
HE3 MSE A 237 2.13 13.32 -4.77
N PRO A 238 8.15 15.26 -6.09
CA PRO A 238 8.90 16.51 -5.84
C PRO A 238 8.50 17.59 -6.82
N PRO A 239 8.70 18.86 -6.47
CA PRO A 239 8.37 19.93 -7.41
C PRO A 239 9.26 19.79 -8.63
N ASN A 240 8.66 19.91 -9.80
CA ASN A 240 9.41 20.01 -11.05
C ASN A 240 10.14 18.74 -11.46
N LYS A 241 9.86 17.60 -10.84
CA LYS A 241 10.55 16.37 -11.17
C LYS A 241 9.55 15.24 -11.26
N LYS A 242 10.00 14.16 -11.86
CA LYS A 242 9.21 12.96 -11.98
C LYS A 242 9.19 12.23 -10.65
N PRO A 243 8.20 11.37 -10.44
CA PRO A 243 7.93 10.86 -9.10
C PRO A 243 8.88 9.76 -8.68
N ILE A 244 8.88 9.53 -7.37
CA ILE A 244 9.61 8.45 -6.71
C ILE A 244 8.57 7.46 -6.21
N ILE A 245 8.81 6.18 -6.43
CA ILE A 245 7.90 5.13 -5.97
C ILE A 245 8.61 4.36 -4.87
N ILE A 246 7.92 4.14 -3.73
CA ILE A 246 8.55 3.55 -2.54
C ILE A 246 7.67 2.45 -1.96
N ALA A 247 8.32 1.33 -1.56
CA ALA A 247 7.68 0.38 -0.67
C ALA A 247 8.62 0.11 0.51
N ILE A 248 8.11 0.25 1.72
CA ILE A 248 8.83 -0.10 2.94
C ILE A 248 7.95 -1.06 3.72
N LEU A 249 8.47 -2.27 3.96
CA LEU A 249 7.77 -3.30 4.71
C LEU A 249 8.59 -3.64 5.93
N SER A 250 7.92 -3.97 7.04
CA SER A 250 8.68 -4.35 8.23
C SER A 250 7.91 -5.33 9.09
N THR A 251 8.67 -6.13 9.86
CA THR A 251 8.06 -7.12 10.71
C THR A 251 9.01 -7.44 11.86
N HIS A 252 8.46 -8.10 12.86
CA HIS A 252 9.19 -8.62 14.01
C HIS A 252 8.98 -10.12 14.11
N ASP A 253 9.63 -10.74 15.10
CA ASP A 253 9.67 -12.18 15.25
C ASP A 253 8.49 -12.76 16.02
N THR A 254 7.89 -12.00 16.91
CA THR A 254 6.91 -12.55 17.82
C THR A 254 5.57 -11.87 17.59
N LYS A 255 4.51 -12.64 17.84
CA LYS A 255 3.18 -12.19 17.44
C LYS A 255 2.77 -10.91 18.15
N GLU A 256 3.14 -10.76 19.42
CA GLU A 256 2.67 -9.63 20.20
C GLU A 256 3.62 -8.46 20.17
N ALA A 257 4.60 -8.47 19.28
CA ALA A 257 5.55 -7.36 19.23
C ALA A 257 4.86 -6.02 18.92
N LYS A 258 5.36 -4.97 19.53
CA LYS A 258 4.90 -3.63 19.19
C LYS A 258 5.67 -3.14 17.96
N TYR A 259 5.04 -2.27 17.21
CA TYR A 259 5.77 -1.58 16.15
C TYR A 259 5.97 -0.14 16.59
N ASP A 260 6.89 0.53 15.88
CA ASP A 260 7.21 1.94 16.09
C ASP A 260 7.28 2.60 14.74
N ASP A 261 6.38 3.56 14.49
CA ASP A 261 6.32 4.18 13.18
C ASP A 261 7.62 4.90 12.81
N LYS A 262 8.43 5.29 13.80
CA LYS A 262 9.67 5.97 13.47
C LYS A 262 10.62 5.12 12.64
N LEU A 263 10.49 3.79 12.73
CA LEU A 263 11.29 2.93 11.86
C LEU A 263 11.03 3.26 10.40
N ILE A 264 9.75 3.44 10.06
CA ILE A 264 9.38 3.73 8.68
C ILE A 264 9.79 5.14 8.30
N ALA A 265 9.52 6.12 9.17
CA ALA A 265 9.90 7.49 8.86
C ALA A 265 11.41 7.61 8.68
N LYS A 266 12.20 6.91 9.51
CA LYS A 266 13.64 7.01 9.38
C LYS A 266 14.15 6.31 8.12
N ALA A 267 13.55 5.16 7.79
CA ALA A 267 13.91 4.50 6.53
C ALA A 267 13.60 5.39 5.36
N SER A 268 12.48 6.11 5.41
N SER A 268 12.46 6.10 5.42
CA SER A 268 12.14 7.04 4.34
CA SER A 268 12.09 7.06 4.38
C SER A 268 13.18 8.15 4.20
C SER A 268 13.15 8.14 4.21
N LYS A 269 13.61 8.73 5.33
CA LYS A 269 14.61 9.79 5.25
C LYS A 269 15.88 9.28 4.59
N ILE A 270 16.26 8.04 4.88
CA ILE A 270 17.42 7.47 4.21
C ILE A 270 17.20 7.42 2.70
N ILE A 271 16.02 7.00 2.25
CA ILE A 271 15.74 6.93 0.82
C ILE A 271 15.86 8.32 0.19
N PHE A 272 15.19 9.32 0.77
CA PHE A 272 15.20 10.64 0.17
C PHE A 272 16.59 11.24 0.16
N ASP A 273 17.37 11.03 1.22
CA ASP A 273 18.73 11.57 1.24
C ASP A 273 19.56 10.92 0.14
N SER A 274 19.35 9.61 -0.07
CA SER A 274 20.10 8.87 -1.09
C SER A 274 19.78 9.40 -2.47
N PHE A 275 18.53 9.79 -2.72
CA PHE A 275 18.16 10.32 -4.02
C PHE A 275 18.49 11.80 -4.18
N THR A 276 18.87 12.51 -3.12
CA THR A 276 19.12 13.95 -3.25
C THR A 276 20.56 14.25 -2.88
N THR A 277 21.49 13.67 -3.61
CA THR A 277 22.91 13.86 -3.34
C THR A 277 23.53 14.83 -4.34
CL CL B . -15.15 1.16 13.13
CL CL C . -26.52 1.71 -9.49
CL CL D . -13.65 7.90 2.43
CL CL E . -7.92 2.37 -18.22
CL CL F . 2.72 15.13 1.92
#